data_3U72
#
_entry.id   3U72
#
_cell.length_a   62.400
_cell.length_b   49.890
_cell.length_c   65.200
_cell.angle_alpha   90.00
_cell.angle_beta   107.14
_cell.angle_gamma   90.00
#
_symmetry.space_group_name_H-M   'P 1 21 1'
#
loop_
_entity.id
_entity.type
_entity.pdbx_description
1 polymer Lactotransferrin
2 polymer 'C-terminal peptide of Lactotransferrin'
3 branched 2-acetamido-2-deoxy-beta-D-glucopyranose-(1-4)-2-acetamido-2-deoxy-beta-D-glucopyranose
4 non-polymer 2-acetamido-2-deoxy-beta-D-glucopyranose
5 non-polymer 'FE (III) ION'
6 non-polymer 'ZINC ION'
7 non-polymer 'CARBONATE ION'
8 non-polymer 'SULFATE ION'
9 non-polymer 4-(DIAZENYLCARBONYL)PYRIDINE
10 water water
#
loop_
_entity_poly.entity_id
_entity_poly.type
_entity_poly.pdbx_seq_one_letter_code
_entity_poly.pdbx_strand_id
1 'polypeptide(L)'
;YTRVVWCAVGPEEQKKCQQWSQQSGQNVTCATASTTDDCIVLVLKGEADALNLDGGYIYTAGKCGLVPVLAENRKSSKHS
SLDCVLRPTEGYLAVAVVKKANEGLTWNSLKDKKSCHTAVDRTAGWNIPMGLIVNQTGSCAFDEFFSQSCAPGADPKSRL
CALCAGDDQGLDKCVPNSKEKYYGYTGAFRCLAEDVGDVAFVKNDTVWENTNGESTADWAKNLKREDFRLLCLDGTRKPV
TEAQSCHLAVAPNHAVVSRSDRAAHVEQVLLHQQALFGKNGKNCPDKFCLFKSETKNLLFNDNTECLAKLGGRPTYEEYL
GTEYVTAIANLKKCS
;
A
2 'polypeptide(L)' LEACAF B
#
loop_
_chem_comp.id
_chem_comp.type
_chem_comp.name
_chem_comp.formula
CO3 non-polymer 'CARBONATE ION' 'C O3 -2'
FE non-polymer 'FE (III) ION' 'Fe 3'
ISZ non-polymer 4-(DIAZENYLCARBONYL)PYRIDINE 'C6 H5 N3 O'
NAG D-saccharide, beta linking 2-acetamido-2-deoxy-beta-D-glucopyranose 'C8 H15 N O6'
SO4 non-polymer 'SULFATE ION' 'O4 S -2'
ZN non-polymer 'ZINC ION' 'Zn 2'
#
# COMPACT_ATOMS: atom_id res chain seq x y z
N TYR A 1 20.78 -22.61 -5.53
CA TYR A 1 19.81 -21.78 -4.76
C TYR A 1 20.08 -21.83 -3.26
N THR A 2 19.71 -20.79 -2.59
CA THR A 2 19.68 -20.91 -1.20
C THR A 2 18.28 -20.48 -0.81
N ARG A 3 18.03 -20.35 0.46
CA ARG A 3 16.73 -19.94 0.90
C ARG A 3 16.56 -18.43 0.67
N VAL A 4 15.35 -17.98 0.62
CA VAL A 4 15.09 -16.57 0.55
C VAL A 4 14.41 -16.27 1.88
N VAL A 5 14.84 -15.22 2.56
CA VAL A 5 14.24 -14.87 3.82
C VAL A 5 13.35 -13.67 3.54
N TRP A 6 12.05 -13.88 3.73
CA TRP A 6 11.07 -12.82 3.51
C TRP A 6 10.90 -12.04 4.79
N CYS A 7 10.59 -10.76 4.69
CA CYS A 7 10.38 -9.99 5.89
C CYS A 7 8.90 -9.65 6.03
N ALA A 8 8.30 -10.16 7.10
CA ALA A 8 6.90 -9.94 7.39
C ALA A 8 6.77 -8.75 8.34
N VAL A 9 5.79 -7.89 8.11
CA VAL A 9 5.59 -6.73 8.96
C VAL A 9 4.38 -6.97 9.87
N GLY A 10 4.64 -7.19 11.16
CA GLY A 10 3.57 -7.45 12.10
C GLY A 10 3.29 -8.94 12.20
N PRO A 11 2.57 -9.37 13.25
CA PRO A 11 2.20 -10.77 13.52
C PRO A 11 1.28 -11.48 12.52
N GLU A 12 0.45 -10.73 11.82
CA GLU A 12 -0.44 -11.36 10.84
C GLU A 12 0.34 -11.71 9.58
N GLU A 13 1.27 -10.83 9.19
CA GLU A 13 2.07 -11.14 8.02
C GLU A 13 3.04 -12.25 8.39
N GLN A 14 3.50 -12.26 9.64
CA GLN A 14 4.42 -13.28 10.14
C GLN A 14 3.74 -14.64 9.98
N LYS A 15 2.56 -14.78 10.57
CA LYS A 15 1.82 -16.04 10.50
C LYS A 15 1.60 -16.48 9.06
N LYS A 16 1.21 -15.57 8.18
CA LYS A 16 1.00 -15.94 6.79
C LYS A 16 2.33 -16.30 6.14
N CYS A 17 3.39 -15.63 6.55
CA CYS A 17 4.68 -15.92 5.97
C CYS A 17 5.11 -17.31 6.38
N GLN A 18 4.82 -17.69 7.62
CA GLN A 18 5.20 -19.00 8.10
C GLN A 18 4.42 -20.12 7.42
N GLN A 19 3.18 -19.84 7.03
CA GLN A 19 2.40 -20.83 6.32
C GLN A 19 3.11 -21.08 5.00
N TRP A 20 3.44 -20.00 4.33
CA TRP A 20 4.15 -20.04 3.06
C TRP A 20 5.48 -20.75 3.22
N SER A 21 6.23 -20.41 4.26
CA SER A 21 7.52 -21.04 4.53
C SER A 21 7.36 -22.56 4.56
N GLN A 22 6.40 -23.00 5.37
CA GLN A 22 6.10 -24.42 5.52
C GLN A 22 5.80 -25.07 4.17
N GLN A 23 4.87 -24.48 3.42
CA GLN A 23 4.49 -24.99 2.10
C GLN A 23 5.62 -24.97 1.08
N SER A 24 6.58 -24.09 1.27
CA SER A 24 7.70 -23.97 0.34
C SER A 24 8.81 -24.96 0.71
N GLY A 25 8.65 -25.61 1.85
CA GLY A 25 9.66 -26.56 2.28
C GLY A 25 10.92 -25.80 2.67
N GLN A 26 10.71 -24.74 3.42
CA GLN A 26 11.78 -23.87 3.91
C GLN A 26 12.55 -23.20 2.79
N ASN A 27 12.02 -23.27 1.59
CA ASN A 27 12.67 -22.60 0.50
C ASN A 27 12.53 -21.12 0.68
N VAL A 28 11.52 -20.74 1.44
CA VAL A 28 11.26 -19.38 1.83
C VAL A 28 11.10 -19.48 3.33
N THR A 29 11.84 -18.66 4.06
CA THR A 29 11.73 -18.64 5.51
C THR A 29 11.35 -17.23 5.89
N CYS A 30 11.08 -16.97 7.17
CA CYS A 30 10.64 -15.64 7.57
C CYS A 30 11.39 -14.90 8.67
N ALA A 31 11.44 -13.58 8.50
CA ALA A 31 12.02 -12.67 9.44
C ALA A 31 10.84 -11.73 9.64
N THR A 32 10.63 -11.23 10.85
CA THR A 32 9.50 -10.34 11.08
C THR A 32 9.92 -9.13 11.89
N ALA A 33 9.36 -7.97 11.52
CA ALA A 33 9.66 -6.72 12.19
C ALA A 33 8.35 -5.99 12.48
N SER A 34 8.41 -4.98 13.33
CA SER A 34 7.22 -4.21 13.69
C SER A 34 6.79 -3.19 12.65
N THR A 35 7.70 -2.78 11.78
CA THR A 35 7.35 -1.80 10.77
C THR A 35 8.07 -2.09 9.48
N THR A 36 7.57 -1.48 8.41
CA THR A 36 8.16 -1.65 7.10
C THR A 36 9.59 -1.11 7.12
N ASP A 37 9.78 0.02 7.77
CA ASP A 37 11.11 0.62 7.88
C ASP A 37 12.06 -0.35 8.56
N ASP A 38 11.57 -1.01 9.61
CA ASP A 38 12.36 -2.00 10.32
C ASP A 38 12.71 -3.17 9.41
N CYS A 39 11.79 -3.53 8.52
CA CYS A 39 12.04 -4.61 7.60
C CYS A 39 13.10 -4.18 6.58
N ILE A 40 13.05 -2.91 6.18
CA ILE A 40 14.04 -2.37 5.25
C ILE A 40 15.41 -2.36 5.91
N VAL A 41 15.43 -2.27 7.23
CA VAL A 41 16.68 -2.27 7.99
C VAL A 41 17.24 -3.68 8.07
N LEU A 42 16.36 -4.66 8.27
CA LEU A 42 16.77 -6.05 8.33
C LEU A 42 17.37 -6.48 7.00
N VAL A 43 16.78 -6.05 5.89
CA VAL A 43 17.27 -6.39 4.57
C VAL A 43 18.65 -5.75 4.35
N LEU A 44 18.79 -4.52 4.80
CA LEU A 44 20.06 -3.80 4.66
C LEU A 44 21.14 -4.49 5.47
N LYS A 45 20.77 -5.08 6.59
CA LYS A 45 21.74 -5.76 7.43
C LYS A 45 22.06 -7.13 6.87
N GLY A 46 21.20 -7.61 5.96
CA GLY A 46 21.43 -8.91 5.37
C GLY A 46 20.78 -10.05 6.13
N GLU A 47 19.93 -9.69 7.08
CA GLU A 47 19.22 -10.69 7.86
C GLU A 47 17.93 -11.14 7.17
N ALA A 48 17.45 -10.30 6.24
CA ALA A 48 16.27 -10.62 5.46
C ALA A 48 16.66 -10.34 4.01
N ASP A 49 16.03 -11.03 3.06
CA ASP A 49 16.35 -10.86 1.65
C ASP A 49 15.42 -9.93 0.90
N ALA A 50 14.14 -9.97 1.23
CA ALA A 50 13.20 -9.14 0.50
C ALA A 50 11.81 -9.02 1.13
N LEU A 51 11.04 -8.09 0.58
CA LEU A 51 9.66 -7.84 0.98
C LEU A 51 9.00 -7.00 -0.12
N ASN A 52 7.68 -6.98 -0.13
CA ASN A 52 6.90 -6.22 -1.12
C ASN A 52 6.67 -4.83 -0.52
N LEU A 53 6.99 -3.78 -1.27
CA LEU A 53 6.84 -2.41 -0.77
C LEU A 53 5.96 -1.49 -1.60
N ASP A 54 5.31 -0.57 -0.89
CA ASP A 54 4.49 0.43 -1.56
C ASP A 54 5.52 1.40 -2.14
N GLY A 55 5.12 2.14 -3.17
CA GLY A 55 6.03 3.08 -3.80
C GLY A 55 6.79 4.00 -2.88
N GLY A 56 6.12 4.58 -1.90
CA GLY A 56 6.79 5.47 -0.95
C GLY A 56 7.94 4.80 -0.23
N TYR A 57 7.83 3.49 0.00
CA TYR A 57 8.88 2.76 0.68
C TYR A 57 9.98 2.38 -0.33
N ILE A 58 9.60 2.09 -1.57
CA ILE A 58 10.53 1.78 -2.62
C ILE A 58 11.50 2.94 -2.74
N TYR A 59 11.03 4.13 -2.52
CA TYR A 59 11.82 5.34 -2.56
C TYR A 59 12.83 5.32 -1.40
N THR A 60 12.32 5.09 -0.19
CA THR A 60 13.14 5.02 1.01
C THR A 60 14.24 3.99 0.87
N ALA A 61 13.83 2.76 0.56
CA ALA A 61 14.74 1.64 0.39
C ALA A 61 15.71 1.89 -0.77
N GLY A 62 15.23 2.56 -1.81
CA GLY A 62 16.07 2.85 -2.96
C GLY A 62 17.20 3.79 -2.62
N LYS A 63 16.93 4.78 -1.76
CA LYS A 63 17.97 5.71 -1.33
C LYS A 63 19.04 4.92 -0.60
N CYS A 64 18.67 3.73 -0.14
CA CYS A 64 19.57 2.87 0.62
C CYS A 64 20.19 1.75 -0.21
N GLY A 65 19.97 1.77 -1.51
CA GLY A 65 20.56 0.76 -2.37
C GLY A 65 19.75 -0.50 -2.59
N LEU A 66 18.51 -0.55 -2.10
CA LEU A 66 17.70 -1.72 -2.36
C LEU A 66 17.07 -1.53 -3.75
N VAL A 67 16.80 -2.63 -4.44
CA VAL A 67 16.26 -2.50 -5.79
C VAL A 67 14.99 -3.29 -6.10
N PRO A 68 14.15 -2.75 -7.00
CA PRO A 68 12.90 -3.36 -7.45
C PRO A 68 13.25 -4.67 -8.14
N VAL A 69 12.52 -5.73 -7.83
CA VAL A 69 12.82 -7.03 -8.44
C VAL A 69 11.69 -7.50 -9.34
N LEU A 70 10.47 -7.44 -8.82
CA LEU A 70 9.26 -7.83 -9.55
C LEU A 70 8.18 -6.90 -9.03
N ALA A 71 7.20 -6.58 -9.88
CA ALA A 71 6.13 -5.70 -9.44
C ALA A 71 4.79 -6.43 -9.38
N GLU A 72 3.91 -5.98 -8.50
CA GLU A 72 2.60 -6.59 -8.39
C GLU A 72 1.89 -6.22 -9.68
N ASN A 73 1.20 -7.18 -10.27
CA ASN A 73 0.47 -6.91 -11.49
C ASN A 73 -0.95 -7.43 -11.29
N ARG A 74 -1.93 -6.58 -11.47
CA ARG A 74 -3.31 -7.01 -11.27
C ARG A 74 -4.13 -7.16 -12.54
N LYS A 75 -5.39 -7.53 -12.38
CA LYS A 75 -6.34 -7.69 -13.48
C LYS A 75 -6.18 -6.67 -14.59
N SER A 76 -5.41 -7.02 -15.63
CA SER A 76 -5.18 -6.12 -16.76
C SER A 76 -6.46 -5.47 -17.27
N SER A 77 -6.45 -4.14 -17.35
CA SER A 77 -7.60 -3.42 -17.84
C SER A 77 -7.96 -3.83 -19.28
N LYS A 78 -6.96 -3.80 -20.16
CA LYS A 78 -7.13 -4.15 -21.57
C LYS A 78 -6.99 -5.66 -21.83
N HIS A 79 -7.20 -6.09 -23.07
CA HIS A 79 -7.07 -7.50 -23.43
C HIS A 79 -5.58 -7.76 -23.70
N SER A 80 -5.05 -8.80 -23.09
CA SER A 80 -3.63 -9.09 -23.26
C SER A 80 -3.33 -10.58 -23.35
N SER A 81 -2.88 -11.01 -24.52
CA SER A 81 -2.53 -12.41 -24.71
C SER A 81 -1.20 -12.64 -23.99
N LEU A 82 -0.55 -11.53 -23.65
CA LEU A 82 0.72 -11.55 -22.94
C LEU A 82 0.52 -12.13 -21.55
N ASP A 83 1.41 -13.04 -21.16
CA ASP A 83 1.35 -13.65 -19.85
C ASP A 83 1.42 -12.53 -18.81
N CYS A 84 0.79 -12.75 -17.66
CA CYS A 84 0.78 -11.75 -16.60
C CYS A 84 2.20 -11.34 -16.19
N VAL A 85 3.10 -12.32 -16.09
CA VAL A 85 4.47 -12.05 -15.68
C VAL A 85 5.24 -11.14 -16.63
N LEU A 86 4.82 -11.10 -17.90
CA LEU A 86 5.51 -10.29 -18.90
C LEU A 86 4.81 -8.97 -19.21
N ARG A 87 3.56 -8.86 -18.80
CA ARG A 87 2.76 -7.67 -19.05
C ARG A 87 3.28 -6.46 -18.27
N PRO A 88 3.29 -5.28 -18.93
CA PRO A 88 3.74 -4.05 -18.28
C PRO A 88 2.73 -3.72 -17.18
N THR A 89 3.17 -3.11 -16.09
CA THR A 89 2.23 -2.77 -15.03
C THR A 89 1.60 -1.43 -15.36
N GLU A 90 0.33 -1.26 -15.01
CA GLU A 90 -0.41 -0.04 -15.33
C GLU A 90 -0.44 1.03 -14.25
N GLY A 91 -0.15 0.64 -13.00
CA GLY A 91 -0.17 1.61 -11.92
C GLY A 91 -1.58 1.72 -11.38
N TYR A 92 -1.73 2.06 -10.11
CA TYR A 92 -3.07 2.16 -9.56
C TYR A 92 -3.49 3.61 -9.35
N LEU A 93 -4.79 3.83 -9.21
CA LEU A 93 -5.32 5.18 -9.04
C LEU A 93 -5.49 5.58 -7.59
N ALA A 94 -4.78 6.63 -7.21
CA ALA A 94 -4.88 7.16 -5.86
C ALA A 94 -6.12 8.05 -5.86
N VAL A 95 -6.98 7.87 -4.87
CA VAL A 95 -8.20 8.68 -4.79
C VAL A 95 -8.48 9.12 -3.36
N ALA A 96 -9.35 10.12 -3.26
CA ALA A 96 -9.79 10.65 -1.97
C ALA A 96 -11.26 10.26 -1.98
N VAL A 97 -11.70 9.58 -0.93
CA VAL A 97 -13.07 9.09 -0.86
C VAL A 97 -13.82 9.65 0.33
N VAL A 98 -15.09 9.99 0.11
CA VAL A 98 -15.94 10.53 1.16
C VAL A 98 -17.31 9.87 1.09
N LYS A 99 -18.15 10.14 2.10
CA LYS A 99 -19.51 9.60 2.14
C LYS A 99 -20.35 10.50 1.26
N LYS A 100 -21.25 9.91 0.48
CA LYS A 100 -22.11 10.73 -0.37
C LYS A 100 -22.94 11.64 0.54
N ALA A 101 -23.44 11.08 1.64
CA ALA A 101 -24.26 11.82 2.61
C ALA A 101 -23.54 13.00 3.24
N ASN A 102 -22.22 13.01 3.16
CA ASN A 102 -21.42 14.11 3.70
C ASN A 102 -21.46 15.13 2.57
N GLU A 103 -22.65 15.68 2.34
CA GLU A 103 -22.89 16.59 1.23
C GLU A 103 -22.07 17.84 0.86
N GLY A 104 -21.59 18.60 1.83
CA GLY A 104 -20.83 19.79 1.46
C GLY A 104 -19.37 19.56 1.06
N LEU A 105 -18.85 18.37 1.35
CA LEU A 105 -17.44 18.06 1.14
C LEU A 105 -16.86 17.86 -0.26
N THR A 106 -15.92 18.73 -0.62
CA THR A 106 -15.18 18.64 -1.90
C THR A 106 -13.71 18.73 -1.52
N TRP A 107 -12.85 18.59 -2.52
CA TRP A 107 -11.43 18.69 -2.30
C TRP A 107 -11.11 20.06 -1.71
N ASN A 108 -11.88 21.06 -2.14
CA ASN A 108 -11.67 22.43 -1.71
C ASN A 108 -12.19 22.77 -0.31
N SER A 109 -12.84 21.83 0.36
CA SER A 109 -13.33 22.10 1.70
C SER A 109 -12.75 21.12 2.71
N LEU A 110 -11.63 20.50 2.37
CA LEU A 110 -11.00 19.53 3.24
C LEU A 110 -10.35 20.08 4.52
N LYS A 111 -10.07 21.39 4.54
CA LYS A 111 -9.44 21.99 5.72
C LYS A 111 -10.27 21.75 6.97
N ASP A 112 -9.60 21.30 8.04
CA ASP A 112 -10.25 21.04 9.33
C ASP A 112 -11.17 19.84 9.39
N LYS A 113 -11.12 18.98 8.39
CA LYS A 113 -11.95 17.78 8.40
C LYS A 113 -11.14 16.65 9.02
N LYS A 114 -11.74 15.47 9.09
CA LYS A 114 -11.05 14.31 9.65
C LYS A 114 -10.57 13.41 8.53
N SER A 115 -9.30 13.00 8.61
CA SER A 115 -8.74 12.18 7.54
C SER A 115 -8.27 10.79 7.93
N CYS A 116 -8.37 9.89 6.95
CA CYS A 116 -7.97 8.51 7.12
C CYS A 116 -6.90 8.24 6.06
N HIS A 117 -5.68 7.95 6.53
CA HIS A 117 -4.53 7.67 5.65
C HIS A 117 -4.07 6.24 5.89
N THR A 118 -3.65 5.57 4.83
CA THR A 118 -3.17 4.21 4.93
C THR A 118 -2.03 4.11 5.92
N ALA A 119 -1.09 5.05 5.81
CA ALA A 119 0.07 5.12 6.69
C ALA A 119 0.97 6.26 6.21
N VAL A 120 1.69 6.85 7.15
CA VAL A 120 2.62 7.91 6.80
C VAL A 120 3.61 7.35 5.78
N ASP A 121 4.08 8.20 4.88
CA ASP A 121 5.04 7.81 3.85
C ASP A 121 4.57 6.91 2.72
N ARG A 122 3.27 6.72 2.55
CA ARG A 122 2.83 5.87 1.46
C ARG A 122 2.23 6.65 0.30
N THR A 123 2.27 6.04 -0.88
CA THR A 123 1.80 6.71 -2.08
C THR A 123 0.37 7.29 -2.11
N ALA A 124 -0.65 6.43 -2.07
CA ALA A 124 -2.03 6.91 -2.08
C ALA A 124 -2.50 7.53 -0.78
N GLY A 125 -2.16 6.90 0.34
CA GLY A 125 -2.59 7.43 1.62
C GLY A 125 -1.80 8.62 2.13
N TRP A 126 -0.62 8.86 1.58
CA TRP A 126 0.13 9.97 2.12
C TRP A 126 0.89 10.88 1.19
N ASN A 127 1.91 10.38 0.51
CA ASN A 127 2.68 11.24 -0.39
C ASN A 127 1.83 12.05 -1.37
N ILE A 128 0.91 11.43 -2.08
CA ILE A 128 0.09 12.10 -3.07
C ILE A 128 -0.80 13.21 -2.46
N PRO A 129 -1.65 12.84 -1.51
CA PRO A 129 -2.52 13.84 -0.87
C PRO A 129 -1.83 14.99 -0.14
N MET A 130 -0.86 14.69 0.73
CA MET A 130 -0.16 15.76 1.44
C MET A 130 0.73 16.57 0.51
N GLY A 131 1.29 15.92 -0.50
CA GLY A 131 2.10 16.65 -1.46
C GLY A 131 1.19 17.69 -2.09
N LEU A 132 0.03 17.21 -2.55
CA LEU A 132 -0.95 18.08 -3.18
C LEU A 132 -1.40 19.17 -2.21
N ILE A 133 -1.68 18.79 -0.98
CA ILE A 133 -2.14 19.74 0.00
C ILE A 133 -1.07 20.76 0.39
N VAL A 134 0.15 20.33 0.60
CA VAL A 134 1.23 21.24 0.96
C VAL A 134 1.39 22.26 -0.15
N ASN A 135 1.41 21.78 -1.39
CA ASN A 135 1.58 22.65 -2.55
C ASN A 135 0.48 23.69 -2.66
N GLN A 136 -0.77 23.24 -2.57
CA GLN A 136 -1.91 24.12 -2.65
C GLN A 136 -2.05 25.10 -1.50
N THR A 137 -1.64 24.71 -0.30
CA THR A 137 -1.74 25.63 0.83
C THR A 137 -0.47 26.46 0.98
N GLY A 138 0.58 26.07 0.25
CA GLY A 138 1.84 26.79 0.32
C GLY A 138 2.43 26.79 1.72
N SER A 139 2.18 25.71 2.45
CA SER A 139 2.67 25.56 3.81
C SER A 139 3.07 24.11 4.11
N CYS A 140 4.13 23.96 4.88
CA CYS A 140 4.62 22.66 5.27
C CYS A 140 3.94 22.13 6.52
N ALA A 141 2.97 22.87 7.03
CA ALA A 141 2.26 22.48 8.24
C ALA A 141 1.15 21.49 7.88
N PHE A 142 1.53 20.36 7.32
CA PHE A 142 0.58 19.32 6.93
C PHE A 142 0.09 18.56 8.16
N ASP A 143 0.70 18.84 9.31
CA ASP A 143 0.33 18.18 10.55
C ASP A 143 -0.79 18.96 11.21
N GLU A 144 -1.22 20.04 10.57
CA GLU A 144 -2.28 20.88 11.11
C GLU A 144 -3.35 21.22 10.08
N PHE A 145 -3.31 20.59 8.90
CA PHE A 145 -4.33 20.87 7.89
C PHE A 145 -5.66 20.23 8.28
N PHE A 146 -5.60 18.97 8.71
CA PHE A 146 -6.79 18.25 9.14
C PHE A 146 -6.90 18.37 10.66
N SER A 147 -8.12 18.50 11.17
CA SER A 147 -8.34 18.63 12.59
C SER A 147 -7.91 17.37 13.32
N GLN A 148 -8.16 16.22 12.71
CA GLN A 148 -7.79 14.93 13.29
C GLN A 148 -7.61 13.90 12.19
N SER A 149 -6.76 12.91 12.44
CA SER A 149 -6.52 11.87 11.46
C SER A 149 -6.02 10.59 12.08
N CYS A 150 -6.01 9.55 11.25
CA CYS A 150 -5.41 8.30 11.62
C CYS A 150 -4.45 8.19 10.46
N ALA A 151 -3.17 8.32 10.78
CA ALA A 151 -2.11 8.23 9.81
C ALA A 151 -1.07 7.36 10.48
N PRO A 152 -1.28 6.04 10.42
CA PRO A 152 -0.35 5.11 11.05
C PRO A 152 1.11 5.48 10.80
N GLY A 153 1.88 5.59 11.87
CA GLY A 153 3.29 5.93 11.74
C GLY A 153 3.62 7.31 12.25
N ALA A 154 2.60 8.13 12.47
CA ALA A 154 2.82 9.46 13.00
C ALA A 154 2.94 9.36 14.51
N ASP A 155 3.34 10.45 15.15
CA ASP A 155 3.47 10.47 16.61
C ASP A 155 2.12 10.07 17.22
N PRO A 156 2.09 8.98 18.02
CA PRO A 156 0.85 8.51 18.63
C PRO A 156 0.10 9.51 19.50
N LYS A 157 0.77 10.54 19.99
CA LYS A 157 0.07 11.50 20.84
C LYS A 157 -0.35 12.73 20.04
N SER A 158 -0.03 12.75 18.76
CA SER A 158 -0.38 13.86 17.89
C SER A 158 -1.76 13.72 17.24
N ARG A 159 -2.23 14.80 16.62
CA ARG A 159 -3.52 14.83 15.94
C ARG A 159 -3.58 13.78 14.83
N LEU A 160 -2.45 13.57 14.16
CA LEU A 160 -2.37 12.62 13.07
C LEU A 160 -2.69 11.20 13.49
N CYS A 161 -2.69 10.94 14.79
CA CYS A 161 -2.99 9.60 15.28
C CYS A 161 -4.28 9.54 16.07
N ALA A 162 -4.82 10.70 16.38
CA ALA A 162 -6.04 10.80 17.17
C ALA A 162 -7.14 9.81 16.76
N LEU A 163 -7.39 9.68 15.47
CA LEU A 163 -8.45 8.80 14.99
C LEU A 163 -8.08 7.32 14.88
N CYS A 164 -6.81 6.98 15.12
CA CYS A 164 -6.40 5.58 15.03
C CYS A 164 -6.92 4.79 16.24
N ALA A 165 -7.20 3.50 16.05
CA ALA A 165 -7.78 2.69 17.13
C ALA A 165 -6.99 1.55 17.76
N GLY A 166 -5.77 1.28 17.32
CA GLY A 166 -5.01 0.19 17.93
C GLY A 166 -5.58 -1.19 17.63
N ASP A 167 -5.10 -2.22 18.34
CA ASP A 167 -5.57 -3.58 18.10
C ASP A 167 -6.79 -3.98 18.91
N ASP A 168 -7.01 -5.29 19.02
CA ASP A 168 -8.13 -5.84 19.78
C ASP A 168 -8.23 -5.21 21.15
N GLN A 169 -7.08 -5.17 21.83
CA GLN A 169 -6.98 -4.64 23.18
C GLN A 169 -6.80 -3.15 23.27
N GLY A 170 -6.75 -2.48 22.14
CA GLY A 170 -6.57 -1.04 22.14
C GLY A 170 -5.11 -0.67 22.33
N LEU A 171 -4.23 -1.64 22.11
CA LEU A 171 -2.78 -1.42 22.21
C LEU A 171 -2.28 -1.18 20.80
N ASP A 172 -1.08 -0.63 20.68
CA ASP A 172 -0.48 -0.36 19.38
C ASP A 172 -1.24 0.68 18.57
N LYS A 173 -1.86 1.63 19.26
CA LYS A 173 -2.59 2.68 18.58
C LYS A 173 -1.64 3.42 17.62
N CYS A 174 -2.01 3.45 16.34
CA CYS A 174 -1.22 4.13 15.31
C CYS A 174 0.06 3.46 14.83
N VAL A 175 0.28 2.19 15.16
CA VAL A 175 1.49 1.57 14.67
C VAL A 175 1.23 1.32 13.21
N PRO A 176 2.30 1.32 12.39
CA PRO A 176 2.09 1.09 10.96
C PRO A 176 2.20 -0.38 10.55
N ASN A 177 1.27 -1.18 11.03
CA ASN A 177 1.18 -2.59 10.64
C ASN A 177 -0.27 -2.98 10.85
N SER A 178 -0.65 -4.15 10.33
CA SER A 178 -2.04 -4.58 10.39
C SER A 178 -2.68 -4.72 11.77
N LYS A 179 -1.93 -4.52 12.85
CA LYS A 179 -2.55 -4.63 14.17
C LYS A 179 -3.41 -3.40 14.42
N GLU A 180 -3.05 -2.30 13.77
CA GLU A 180 -3.82 -1.06 13.89
C GLU A 180 -5.05 -1.28 13.00
N LYS A 181 -6.23 -1.19 13.61
CA LYS A 181 -7.50 -1.40 12.93
C LYS A 181 -7.65 -0.62 11.63
N TYR A 182 -7.21 0.64 11.63
CA TYR A 182 -7.33 1.48 10.47
C TYR A 182 -6.06 1.63 9.61
N TYR A 183 -5.20 0.60 9.65
CA TYR A 183 -3.95 0.59 8.88
C TYR A 183 -4.11 0.11 7.45
N GLY A 184 -3.33 0.72 6.55
CA GLY A 184 -3.35 0.34 5.14
C GLY A 184 -4.63 0.66 4.40
N TYR A 185 -4.67 0.29 3.13
CA TYR A 185 -5.82 0.55 2.28
C TYR A 185 -7.20 0.26 2.87
N THR A 186 -7.37 -0.98 3.30
CA THR A 186 -8.62 -1.43 3.91
C THR A 186 -8.93 -0.77 5.24
N GLY A 187 -7.89 -0.59 6.06
CA GLY A 187 -8.08 0.05 7.35
C GLY A 187 -8.48 1.51 7.22
N ALA A 188 -7.88 2.20 6.26
CA ALA A 188 -8.20 3.61 6.05
C ALA A 188 -9.61 3.75 5.47
N PHE A 189 -10.02 2.79 4.65
CA PHE A 189 -11.35 2.84 4.06
C PHE A 189 -12.36 2.47 5.14
N ARG A 190 -11.94 1.63 6.08
CA ARG A 190 -12.83 1.25 7.17
C ARG A 190 -13.04 2.47 8.04
N CYS A 191 -11.97 3.20 8.27
CA CYS A 191 -11.99 4.42 9.06
C CYS A 191 -13.07 5.34 8.49
N LEU A 192 -13.18 5.38 7.17
CA LEU A 192 -14.18 6.18 6.48
C LEU A 192 -15.58 5.56 6.56
N ALA A 193 -15.65 4.26 6.29
CA ALA A 193 -16.92 3.53 6.30
C ALA A 193 -17.61 3.67 7.65
N GLU A 194 -16.82 3.64 8.72
CA GLU A 194 -17.37 3.74 10.07
C GLU A 194 -17.55 5.20 10.49
N ASP A 195 -17.30 6.11 9.56
CA ASP A 195 -17.44 7.53 9.84
C ASP A 195 -16.53 8.06 10.94
N VAL A 196 -15.35 7.46 11.09
CA VAL A 196 -14.41 7.98 12.07
C VAL A 196 -13.78 9.19 11.38
N GLY A 197 -13.59 9.08 10.08
CA GLY A 197 -13.02 10.16 9.30
C GLY A 197 -13.99 10.68 8.25
N ASP A 198 -13.70 11.88 7.75
CA ASP A 198 -14.53 12.51 6.71
C ASP A 198 -14.08 12.08 5.31
N VAL A 199 -12.80 11.75 5.17
CA VAL A 199 -12.24 11.34 3.88
C VAL A 199 -11.14 10.33 4.09
N ALA A 200 -11.02 9.41 3.13
CA ALA A 200 -9.99 8.40 3.17
C ALA A 200 -9.14 8.53 1.92
N PHE A 201 -7.84 8.44 2.09
CA PHE A 201 -6.93 8.50 0.95
C PHE A 201 -6.40 7.09 0.69
N VAL A 202 -7.04 6.41 -0.26
CA VAL A 202 -6.69 5.05 -0.63
C VAL A 202 -6.58 5.00 -2.15
N LYS A 203 -6.77 3.81 -2.72
CA LYS A 203 -6.72 3.67 -4.16
C LYS A 203 -8.10 3.20 -4.61
N ASN A 204 -8.41 3.41 -5.87
CA ASN A 204 -9.67 3.10 -6.46
C ASN A 204 -10.05 1.70 -6.15
N ASP A 205 -9.10 0.83 -6.31
CA ASP A 205 -9.35 -0.59 -6.15
C ASP A 205 -9.92 -0.95 -4.75
N THR A 206 -9.51 -0.22 -3.71
CA THR A 206 -9.99 -0.50 -2.35
C THR A 206 -11.50 -0.27 -2.12
N VAL A 207 -12.04 0.78 -2.74
CA VAL A 207 -13.47 1.06 -2.60
C VAL A 207 -14.26 -0.15 -3.10
N TRP A 208 -13.97 -0.58 -4.32
CA TRP A 208 -14.65 -1.72 -4.94
C TRP A 208 -14.57 -3.05 -4.23
N GLU A 209 -13.40 -3.36 -3.71
CA GLU A 209 -13.19 -4.65 -3.05
C GLU A 209 -13.81 -4.75 -1.67
N ASN A 210 -14.29 -3.63 -1.13
CA ASN A 210 -14.89 -3.65 0.19
C ASN A 210 -16.34 -3.15 0.21
N THR A 211 -16.97 -3.10 -0.95
CA THR A 211 -18.36 -2.65 -1.05
C THR A 211 -19.19 -3.61 -1.89
N ASN A 212 -20.51 -3.49 -1.78
CA ASN A 212 -21.43 -4.32 -2.54
C ASN A 212 -21.20 -5.82 -2.41
N GLY A 213 -20.92 -6.28 -1.19
CA GLY A 213 -20.71 -7.69 -0.96
C GLY A 213 -19.35 -8.26 -1.32
N GLU A 214 -18.51 -7.46 -1.97
CA GLU A 214 -17.19 -7.95 -2.35
C GLU A 214 -16.37 -8.35 -1.11
N SER A 215 -16.75 -7.81 0.05
CA SER A 215 -16.09 -8.15 1.31
C SER A 215 -17.15 -8.68 2.25
N THR A 216 -16.88 -9.82 2.87
CA THR A 216 -17.81 -10.43 3.79
C THR A 216 -17.55 -9.97 5.22
N ALA A 217 -16.44 -9.25 5.40
CA ALA A 217 -16.08 -8.74 6.72
C ALA A 217 -17.28 -7.96 7.27
N ASP A 218 -17.50 -8.09 8.57
CA ASP A 218 -18.63 -7.44 9.25
C ASP A 218 -18.82 -5.94 9.04
N TRP A 219 -17.72 -5.18 9.01
CA TRP A 219 -17.82 -3.72 8.85
C TRP A 219 -18.07 -3.31 7.40
N ALA A 220 -17.74 -4.19 6.47
CA ALA A 220 -17.89 -3.89 5.05
C ALA A 220 -19.03 -4.58 4.30
N LYS A 221 -19.41 -5.77 4.74
CA LYS A 221 -20.48 -6.56 4.10
C LYS A 221 -21.74 -5.81 3.70
N ASN A 222 -22.05 -4.70 4.38
CA ASN A 222 -23.27 -3.95 4.08
C ASN A 222 -23.01 -2.61 3.42
N LEU A 223 -21.76 -2.34 3.07
CA LEU A 223 -21.42 -1.09 2.41
C LEU A 223 -21.79 -1.15 0.93
N LYS A 224 -22.28 -0.03 0.42
CA LYS A 224 -22.68 0.10 -0.97
C LYS A 224 -22.01 1.29 -1.65
N ARG A 225 -21.47 1.05 -2.83
CA ARG A 225 -20.78 2.07 -3.62
C ARG A 225 -21.49 3.39 -3.86
N GLU A 226 -22.82 3.37 -3.95
CA GLU A 226 -23.58 4.59 -4.17
C GLU A 226 -23.41 5.56 -3.00
N ASP A 227 -23.14 5.00 -1.83
CA ASP A 227 -22.98 5.80 -0.63
C ASP A 227 -21.64 6.50 -0.52
N PHE A 228 -20.78 6.28 -1.51
CA PHE A 228 -19.45 6.88 -1.53
C PHE A 228 -19.24 7.74 -2.77
N ARG A 229 -18.45 8.79 -2.62
CA ARG A 229 -18.13 9.69 -3.71
C ARG A 229 -16.62 9.95 -3.77
N LEU A 230 -16.09 10.14 -4.97
CA LEU A 230 -14.68 10.43 -5.11
C LEU A 230 -14.52 11.95 -5.20
N LEU A 231 -13.45 12.49 -4.64
CA LEU A 231 -13.21 13.93 -4.70
C LEU A 231 -12.21 14.24 -5.79
N CYS A 232 -12.64 14.98 -6.81
CA CYS A 232 -11.74 15.32 -7.91
C CYS A 232 -11.01 16.62 -7.57
N LEU A 233 -9.85 16.79 -8.20
CA LEU A 233 -9.04 17.98 -7.98
C LEU A 233 -9.70 19.28 -8.44
N ASP A 234 -10.71 19.20 -9.31
CA ASP A 234 -11.35 20.41 -9.76
C ASP A 234 -12.53 20.82 -8.87
N GLY A 235 -12.58 20.25 -7.67
CA GLY A 235 -13.63 20.59 -6.73
C GLY A 235 -14.96 19.87 -6.90
N THR A 236 -15.07 19.03 -7.92
CA THR A 236 -16.32 18.30 -8.13
C THR A 236 -16.28 16.98 -7.38
N ARG A 237 -17.41 16.28 -7.38
CA ARG A 237 -17.54 14.98 -6.73
C ARG A 237 -18.07 14.02 -7.80
N LYS A 238 -17.67 12.76 -7.73
CA LYS A 238 -18.13 11.78 -8.70
C LYS A 238 -18.35 10.40 -8.10
N PRO A 239 -19.12 9.56 -8.80
CA PRO A 239 -19.36 8.21 -8.32
C PRO A 239 -18.05 7.43 -8.39
N VAL A 240 -17.90 6.43 -7.53
CA VAL A 240 -16.66 5.66 -7.50
C VAL A 240 -16.45 4.86 -8.78
N THR A 241 -17.32 5.08 -9.77
CA THR A 241 -17.22 4.42 -11.07
C THR A 241 -16.38 5.28 -12.00
N GLU A 242 -16.16 6.53 -11.60
CA GLU A 242 -15.40 7.48 -12.41
C GLU A 242 -13.98 7.78 -11.93
N ALA A 243 -13.29 6.82 -11.34
CA ALA A 243 -11.94 7.05 -10.85
C ALA A 243 -11.00 7.47 -11.99
N GLN A 244 -11.28 6.97 -13.19
CA GLN A 244 -10.46 7.28 -14.35
C GLN A 244 -10.36 8.79 -14.62
N SER A 245 -11.41 9.52 -14.26
CA SER A 245 -11.42 10.97 -14.49
C SER A 245 -11.54 11.74 -13.19
N CYS A 246 -11.19 11.12 -12.07
CA CYS A 246 -11.32 11.77 -10.79
C CYS A 246 -10.42 11.10 -9.73
N HIS A 247 -9.12 11.13 -9.96
CA HIS A 247 -8.14 10.55 -9.04
C HIS A 247 -7.15 11.65 -8.74
N LEU A 248 -6.29 11.45 -7.75
CA LEU A 248 -5.30 12.47 -7.40
C LEU A 248 -4.02 12.25 -8.21
N ALA A 249 -3.78 11.00 -8.58
CA ALA A 249 -2.60 10.64 -9.35
C ALA A 249 -2.62 9.16 -9.65
N VAL A 250 -1.71 8.75 -10.53
CA VAL A 250 -1.56 7.35 -10.89
C VAL A 250 -0.36 6.94 -10.04
N ALA A 251 -0.41 5.79 -9.39
CA ALA A 251 0.70 5.40 -8.54
C ALA A 251 1.44 4.16 -9.00
N PRO A 252 2.77 4.13 -8.79
CA PRO A 252 3.51 2.96 -9.22
C PRO A 252 3.15 1.73 -8.40
N ASN A 253 2.95 0.61 -9.08
CA ASN A 253 2.57 -0.64 -8.43
C ASN A 253 3.57 -1.06 -7.37
N HIS A 254 3.08 -1.65 -6.29
CA HIS A 254 3.96 -2.09 -5.21
C HIS A 254 4.93 -3.05 -5.88
N ALA A 255 6.10 -3.18 -5.31
CA ALA A 255 7.07 -4.09 -5.89
C ALA A 255 7.94 -4.72 -4.83
N VAL A 256 8.44 -5.90 -5.16
CA VAL A 256 9.33 -6.63 -4.30
C VAL A 256 10.69 -5.94 -4.44
N VAL A 257 11.39 -5.73 -3.34
CA VAL A 257 12.71 -5.14 -3.38
C VAL A 257 13.66 -6.04 -2.61
N SER A 258 14.94 -5.90 -2.90
CA SER A 258 15.93 -6.68 -2.20
C SER A 258 17.26 -6.02 -2.43
N ARG A 259 18.27 -6.52 -1.73
CA ARG A 259 19.62 -6.04 -1.89
C ARG A 259 20.00 -6.27 -3.33
N SER A 260 20.60 -5.28 -3.97
CA SER A 260 21.03 -5.46 -5.35
C SER A 260 21.72 -6.83 -5.42
N ASP A 261 22.47 -7.12 -4.36
CA ASP A 261 23.26 -8.34 -4.14
C ASP A 261 22.51 -9.62 -4.42
N ARG A 262 21.28 -9.66 -3.91
CA ARG A 262 20.42 -10.82 -3.97
C ARG A 262 19.27 -10.69 -4.96
N ALA A 263 19.19 -9.57 -5.64
CA ALA A 263 18.11 -9.33 -6.61
C ALA A 263 17.85 -10.49 -7.55
N ALA A 264 18.91 -11.03 -8.15
CA ALA A 264 18.77 -12.13 -9.10
C ALA A 264 18.23 -13.41 -8.46
N HIS A 265 18.80 -13.78 -7.32
CA HIS A 265 18.35 -15.00 -6.65
C HIS A 265 16.94 -14.84 -6.12
N VAL A 266 16.64 -13.67 -5.57
CA VAL A 266 15.31 -13.41 -5.06
C VAL A 266 14.28 -13.52 -6.19
N GLU A 267 14.63 -12.99 -7.35
CA GLU A 267 13.72 -13.04 -8.50
C GLU A 267 13.48 -14.49 -8.97
N GLN A 268 14.55 -15.28 -8.96
CA GLN A 268 14.50 -16.69 -9.35
C GLN A 268 13.42 -17.41 -8.56
N VAL A 269 13.65 -17.47 -7.26
CA VAL A 269 12.78 -18.12 -6.29
C VAL A 269 11.33 -17.68 -6.31
N LEU A 270 11.08 -16.38 -6.48
CA LEU A 270 9.71 -15.86 -6.49
C LEU A 270 8.94 -16.28 -7.72
N LEU A 271 9.62 -16.32 -8.85
CA LEU A 271 8.95 -16.73 -10.07
C LEU A 271 8.49 -18.16 -9.83
N HIS A 272 9.38 -18.99 -9.30
CA HIS A 272 9.04 -20.36 -9.02
C HIS A 272 7.98 -20.46 -7.93
N GLN A 273 8.09 -19.59 -6.92
CA GLN A 273 7.11 -19.63 -5.84
C GLN A 273 5.72 -19.28 -6.31
N GLN A 274 5.59 -18.34 -7.24
CA GLN A 274 4.25 -17.98 -7.70
C GLN A 274 3.69 -19.03 -8.66
N ALA A 275 4.58 -19.79 -9.29
CA ALA A 275 4.12 -20.83 -10.19
C ALA A 275 3.42 -21.86 -9.31
N LEU A 276 3.84 -21.88 -8.04
CA LEU A 276 3.29 -22.80 -7.07
C LEU A 276 2.09 -22.25 -6.28
N PHE A 277 2.19 -21.00 -5.82
CA PHE A 277 1.13 -20.45 -5.00
C PHE A 277 0.36 -19.23 -5.49
N GLY A 278 0.69 -18.79 -6.68
CA GLY A 278 -0.01 -17.72 -7.28
C GLY A 278 -1.39 -18.04 -7.76
N LYS A 279 -1.93 -17.14 -8.54
CA LYS A 279 -3.20 -17.29 -9.19
C LYS A 279 -3.18 -18.43 -10.22
N ASN A 280 -4.01 -19.43 -10.03
CA ASN A 280 -3.93 -20.63 -10.87
C ASN A 280 -2.64 -21.39 -10.61
N GLY A 281 -2.00 -21.08 -9.51
CA GLY A 281 -0.75 -21.72 -9.14
C GLY A 281 -1.00 -23.18 -8.82
N LYS A 282 0.00 -24.02 -9.08
CA LYS A 282 -0.11 -25.45 -8.83
C LYS A 282 -0.73 -25.84 -7.49
N ASN A 283 -0.38 -25.14 -6.42
CA ASN A 283 -0.92 -25.47 -5.10
C ASN A 283 -1.91 -24.51 -4.51
N CYS A 284 -2.38 -23.57 -5.32
CA CYS A 284 -3.39 -22.62 -4.87
C CYS A 284 -4.61 -22.92 -5.72
N PRO A 285 -5.80 -23.03 -5.09
CA PRO A 285 -6.17 -22.88 -3.68
C PRO A 285 -5.94 -24.10 -2.79
N ASP A 286 -5.66 -25.26 -3.38
CA ASP A 286 -5.44 -26.51 -2.63
C ASP A 286 -4.63 -26.48 -1.34
N LYS A 287 -3.40 -25.95 -1.41
CA LYS A 287 -2.52 -25.93 -0.25
C LYS A 287 -2.17 -24.54 0.29
N PHE A 288 -2.07 -23.53 -0.58
CA PHE A 288 -1.71 -22.20 -0.11
C PHE A 288 -1.73 -21.18 -1.24
N CYS A 289 -2.25 -19.99 -0.96
CA CYS A 289 -2.29 -18.95 -1.97
C CYS A 289 -1.55 -17.70 -1.49
N LEU A 290 -0.43 -17.43 -2.13
CA LEU A 290 0.41 -16.29 -1.82
C LEU A 290 -0.33 -14.97 -1.89
N PHE A 291 -1.32 -14.88 -2.76
CA PHE A 291 -2.05 -13.63 -2.95
C PHE A 291 -3.44 -13.56 -2.32
N LYS A 292 -3.63 -14.29 -1.23
CA LYS A 292 -4.90 -14.27 -0.49
C LYS A 292 -4.59 -14.17 0.99
N SER A 293 -5.53 -13.62 1.74
CA SER A 293 -5.39 -13.45 3.19
C SER A 293 -6.67 -12.77 3.69
N GLU A 294 -7.72 -12.86 2.87
CA GLU A 294 -9.04 -12.30 3.17
C GLU A 294 -9.08 -10.77 3.31
N THR A 295 -8.99 -10.11 2.15
CA THR A 295 -8.98 -8.64 2.02
C THR A 295 -8.06 -7.90 2.98
N LYS A 296 -7.25 -8.64 3.72
CA LYS A 296 -6.32 -8.06 4.63
C LYS A 296 -4.99 -7.66 3.99
N ASN A 297 -4.80 -8.00 2.73
CA ASN A 297 -3.59 -7.64 1.99
C ASN A 297 -2.27 -7.93 2.72
N LEU A 298 -2.07 -9.17 3.16
CA LEU A 298 -0.84 -9.50 3.87
C LEU A 298 0.27 -9.96 2.92
N LEU A 299 1.43 -9.31 3.04
CA LEU A 299 2.62 -9.58 2.22
C LEU A 299 2.46 -9.07 0.80
N PHE A 300 1.28 -9.28 0.23
CA PHE A 300 0.97 -8.83 -1.13
C PHE A 300 -0.49 -8.38 -1.16
N ASN A 301 -0.82 -7.47 -2.06
CA ASN A 301 -2.22 -7.04 -2.16
C ASN A 301 -3.01 -8.25 -2.65
N ASP A 302 -4.20 -8.46 -2.08
CA ASP A 302 -5.01 -9.62 -2.47
C ASP A 302 -5.48 -9.59 -3.92
N ASN A 303 -5.48 -8.41 -4.55
CA ASN A 303 -5.93 -8.35 -5.93
C ASN A 303 -4.81 -8.67 -6.92
N THR A 304 -3.62 -8.93 -6.38
CA THR A 304 -2.48 -9.24 -7.23
C THR A 304 -2.71 -10.51 -8.07
N GLU A 305 -2.55 -10.38 -9.38
CA GLU A 305 -2.72 -11.54 -10.26
C GLU A 305 -1.39 -12.29 -10.35
N CYS A 306 -0.30 -11.55 -10.33
CA CYS A 306 1.03 -12.14 -10.40
C CYS A 306 2.07 -11.05 -10.15
N LEU A 307 3.30 -11.50 -9.98
CA LEU A 307 4.42 -10.60 -9.81
C LEU A 307 5.02 -10.59 -11.21
N ALA A 308 5.18 -9.40 -11.79
CA ALA A 308 5.68 -9.31 -13.16
C ALA A 308 7.14 -8.90 -13.25
N LYS A 309 7.80 -9.36 -14.31
CA LYS A 309 9.20 -9.01 -14.54
C LYS A 309 9.19 -7.54 -14.94
N LEU A 310 10.27 -6.84 -14.64
CA LEU A 310 10.38 -5.42 -14.95
C LEU A 310 11.17 -5.13 -16.22
N GLY A 311 10.51 -4.56 -17.22
CA GLY A 311 11.18 -4.22 -18.45
C GLY A 311 12.22 -3.15 -18.23
N GLY A 312 13.40 -3.32 -18.82
CA GLY A 312 14.45 -2.34 -18.70
C GLY A 312 15.27 -2.31 -17.44
N ARG A 313 15.38 -3.41 -16.72
CA ARG A 313 16.16 -3.44 -15.48
C ARG A 313 16.19 -2.07 -14.74
N PRO A 314 15.04 -1.48 -14.45
CA PRO A 314 14.95 -0.13 -13.87
C PRO A 314 15.53 0.13 -12.49
N THR A 315 16.04 1.34 -12.29
CA THR A 315 16.56 1.76 -11.01
C THR A 315 15.28 2.10 -10.24
N TYR A 316 15.40 2.35 -8.94
CA TYR A 316 14.21 2.64 -8.16
C TYR A 316 13.58 3.95 -8.66
N GLU A 317 14.41 4.87 -9.15
CA GLU A 317 13.90 6.15 -9.66
C GLU A 317 13.16 5.95 -10.97
N GLU A 318 13.66 5.03 -11.79
CA GLU A 318 13.02 4.76 -13.06
C GLU A 318 11.75 3.99 -12.83
N TYR A 319 11.75 3.14 -11.82
CA TYR A 319 10.58 2.35 -11.51
C TYR A 319 9.47 3.29 -11.05
N LEU A 320 9.82 4.19 -10.14
CA LEU A 320 8.86 5.14 -9.59
C LEU A 320 8.47 6.28 -10.54
N GLY A 321 9.32 6.55 -11.53
CA GLY A 321 9.02 7.63 -12.45
C GLY A 321 9.44 8.97 -11.86
N THR A 322 10.12 9.77 -12.67
CA THR A 322 10.61 11.08 -12.22
C THR A 322 9.56 12.00 -11.62
N GLU A 323 8.33 11.97 -12.12
CA GLU A 323 7.28 12.84 -11.57
C GLU A 323 7.04 12.51 -10.10
N TYR A 324 6.74 11.25 -9.83
CA TYR A 324 6.49 10.82 -8.46
C TYR A 324 7.71 11.05 -7.59
N VAL A 325 8.90 10.79 -8.14
CA VAL A 325 10.12 10.97 -7.37
C VAL A 325 10.31 12.41 -6.90
N THR A 326 10.09 13.39 -7.77
CA THR A 326 10.26 14.77 -7.32
C THR A 326 9.12 15.11 -6.36
N ALA A 327 7.94 14.55 -6.61
CA ALA A 327 6.80 14.82 -5.74
C ALA A 327 7.21 14.48 -4.30
N ILE A 328 7.77 13.29 -4.09
CA ILE A 328 8.20 12.85 -2.77
C ILE A 328 9.32 13.75 -2.24
N ALA A 329 10.28 14.07 -3.09
CA ALA A 329 11.41 14.90 -2.70
C ALA A 329 10.91 16.18 -2.05
N ASN A 330 10.11 16.92 -2.80
CA ASN A 330 9.54 18.18 -2.32
C ASN A 330 8.79 18.06 -1.00
N LEU A 331 8.01 16.99 -0.85
CA LEU A 331 7.24 16.81 0.36
C LEU A 331 8.15 16.57 1.56
N LYS A 332 9.30 15.93 1.31
CA LYS A 332 10.22 15.65 2.40
C LYS A 332 11.01 16.88 2.81
N LYS A 333 10.95 17.94 2.00
CA LYS A 333 11.64 19.18 2.35
C LYS A 333 11.03 19.69 3.63
N CYS A 334 9.73 19.48 3.73
CA CYS A 334 8.92 19.89 4.86
C CYS A 334 9.34 19.42 6.24
N SER A 335 10.05 18.29 6.34
CA SER A 335 10.47 17.78 7.64
C SER A 335 11.88 18.17 8.03
N LEU B 1 18.13 14.89 -0.27
CA LEU B 1 18.03 13.93 -1.36
C LEU B 1 19.36 13.29 -1.76
N GLU B 2 19.82 12.35 -0.93
CA GLU B 2 21.06 11.61 -1.18
C GLU B 2 21.31 10.49 -0.18
N ALA B 3 21.53 10.85 1.09
CA ALA B 3 21.82 9.87 2.12
C ALA B 3 20.69 8.88 2.43
N CYS B 4 21.06 7.62 2.70
CA CYS B 4 20.10 6.60 3.07
C CYS B 4 19.59 7.08 4.42
N ALA B 5 18.28 7.23 4.55
CA ALA B 5 17.67 7.73 5.77
C ALA B 5 17.78 6.85 7.02
N PHE B 6 18.81 6.02 7.08
CA PHE B 6 19.09 5.17 8.23
C PHE B 6 20.60 5.15 8.34
C1 NAG C . 4.39 20.18 -5.87
C2 NAG C . 4.36 18.93 -6.72
C3 NAG C . 5.61 18.57 -7.53
C4 NAG C . 6.46 19.76 -7.91
C5 NAG C . 6.41 20.78 -6.79
C6 NAG C . 7.25 21.98 -7.14
C7 NAG C . 3.03 17.05 -6.37
C8 NAG C . 2.98 15.71 -5.76
N2 NAG C . 3.94 17.82 -5.91
O3 NAG C . 5.21 18.02 -8.76
O4 NAG C . 7.79 19.37 -8.28
O5 NAG C . 5.09 21.17 -6.59
O6 NAG C . 6.41 22.98 -7.68
O7 NAG C . 2.29 17.37 -7.23
C1 NAG C . 8.02 19.72 -9.66
C2 NAG C . 9.49 19.90 -9.97
C3 NAG C . 9.70 20.13 -11.47
C4 NAG C . 8.98 19.11 -12.30
C5 NAG C . 7.54 19.26 -11.88
C6 NAG C . 6.61 18.38 -12.68
C7 NAG C . 10.60 21.14 -8.19
C8 NAG C . 10.57 22.46 -7.54
N2 NAG C . 9.97 21.08 -9.35
O3 NAG C . 11.07 20.08 -11.80
O4 NAG C . 9.16 19.41 -13.67
O5 NAG C . 7.51 18.79 -10.57
O6 NAG C . 7.03 17.03 -12.57
O7 NAG C . 11.17 20.24 -7.71
C1 NAG D . -11.10 0.38 -9.86
C2 NAG D . -11.20 0.19 -11.38
C3 NAG D . -12.18 -0.90 -11.82
C4 NAG D . -11.83 -2.21 -11.16
C5 NAG D . -11.96 -1.93 -9.65
C6 NAG D . -11.64 -3.21 -8.90
C7 NAG D . -10.57 1.99 -12.84
C8 NAG D . -10.88 3.31 -13.44
N2 NAG D . -11.47 1.41 -12.10
O3 NAG D . -12.04 -0.97 -13.21
O4 NAG D . -12.63 -3.34 -11.56
O5 NAG D . -11.17 -0.85 -9.16
O6 NAG D . -10.27 -3.44 -8.72
O7 NAG D . -9.53 1.48 -13.02
C1 NAG D . -12.02 -4.62 -11.59
C2 NAG D . -13.36 -5.35 -11.44
C3 NAG D . -13.38 -6.66 -12.27
C4 NAG D . -12.87 -6.42 -13.72
C5 NAG D . -11.51 -5.72 -13.61
C6 NAG D . -10.70 -5.53 -14.87
C7 NAG D . -14.68 -5.50 -9.38
C8 NAG D . -14.66 -6.04 -7.95
N2 NAG D . -13.53 -5.62 -10.02
O3 NAG D . -14.69 -7.22 -12.30
O4 NAG D . -12.72 -7.65 -14.41
O5 NAG D . -11.69 -4.45 -12.97
O6 NAG D . -10.77 -4.21 -15.37
O7 NAG D . -15.71 -5.02 -9.85
C1 NAG E . 12.75 -25.89 -3.31
C2 NAG E . 11.56 -26.20 -4.21
C3 NAG E . 11.95 -27.17 -5.31
C4 NAG E . 13.22 -26.72 -6.01
C5 NAG E . 14.31 -26.38 -5.00
C6 NAG E . 15.57 -25.85 -5.70
C7 NAG E . 9.40 -26.02 -3.12
C8 NAG E . 8.23 -26.78 -2.56
N2 NAG E . 10.46 -26.74 -3.43
O3 NAG E . 10.89 -27.26 -6.26
O4 NAG E . 13.69 -27.77 -6.88
O5 NAG E . 13.82 -25.40 -4.09
O6 NAG E . 15.20 -24.81 -6.60
O7 NAG E . 9.36 -24.81 -3.29
FE FE F . 0.30 1.82 -2.23
ZN ZN G . 17.47 2.14 -16.82
ZN ZN H . -4.56 11.05 -14.29
C CO3 I . -0.67 3.47 -0.39
O1 CO3 I . -0.44 2.23 0.00
O2 CO3 I . -0.37 3.85 -1.61
O3 CO3 I . -1.21 4.31 0.43
S SO4 J . -23.27 14.07 -4.98
O1 SO4 J . -21.98 14.31 -5.63
O2 SO4 J . -24.25 15.05 -5.48
O3 SO4 J . -23.74 12.70 -5.27
O4 SO4 J . -23.12 14.23 -3.53
C2 ISZ K . 2.60 2.42 -14.70
C4 ISZ K . 1.90 3.38 -15.43
N1 ISZ K . 2.01 4.69 -15.13
C5 ISZ K . 2.78 5.10 -14.11
C3 ISZ K . 3.50 4.18 -13.34
C1 ISZ K . 3.40 2.83 -13.65
C6 ISZ K . 4.16 1.82 -12.83
O1 ISZ K . 3.56 1.12 -12.04
N2 ISZ K . 5.47 1.70 -13.02
N3 ISZ K . 6.22 1.50 -12.05
#